data_8D4Y
#
_entry.id   8D4Y
#
_cell.length_a   65.432
_cell.length_b   66.665
_cell.length_c   99.370
_cell.angle_alpha   90.000
_cell.angle_beta   100.770
_cell.angle_gamma   90.000
#
_symmetry.space_group_name_H-M   'P 1 21 1'
#
loop_
_entity.id
_entity.type
_entity.pdbx_description
1 polymer 'Chromodomain-helicase-DNA-binding protein 4'
2 water water
#
_entity_poly.entity_id   1
_entity_poly.type   'polypeptide(L)'
_entity_poly.pdbx_seq_one_letter_code
;RSEAPRRPSRKGLRNDKDKPLPPLLARVGGNIEVLGFNARQRKAFLNAIMRYGMPPQDAFTTQWLVRDLRGKSEKEFKAY
VSLFMRHLCEPGADGAETFADGVPREGLSRQHVLTRIGVMSLIRKKVQEFEHVNGRWSMPELAEVEENKKMSQPGSPSPK
TPTPSTPGDTQPNTPAPVPPAEDGIKIEENSLKEEESIEGEKEVKSTAPETAIECTQAPAPASEDEKVVVEPPEGEEKVE
KAEVKERTEEPMETEPKGAADVEKVEEKSAIDLTPIVVEDKEEKKEEEEKKEVMLQNGETPKDLNDEKQKKNIKQRFMFN
IADGGFTELHSLWQNEERAATVTKKTYEIWHRRHDYWLLAGIINHGYARWQDIQNDPRYAILNEPFKGEMNRGNFLEIKN
KFLARRFKLLEQALVIEEQLRRAAYLNMSED
;
_entity_poly.pdbx_strand_id   A,B
#
# COMPACT_ATOMS: atom_id res chain seq x y z
N LEU A 21 -39.77 -13.00 -23.26
CA LEU A 21 -41.21 -13.38 -23.34
C LEU A 21 -42.02 -12.61 -22.29
N PRO A 22 -41.53 -12.39 -21.04
CA PRO A 22 -42.25 -11.56 -20.07
C PRO A 22 -42.70 -10.21 -20.65
N PRO A 23 -43.76 -9.58 -20.06
CA PRO A 23 -44.27 -8.30 -20.54
C PRO A 23 -43.36 -7.12 -20.18
N LEU A 24 -43.18 -6.19 -21.12
CA LEU A 24 -42.32 -5.02 -20.87
C LEU A 24 -42.80 -4.34 -19.58
N LEU A 25 -44.11 -4.20 -19.48
CA LEU A 25 -44.71 -3.49 -18.33
C LEU A 25 -45.75 -4.39 -17.69
N ALA A 26 -45.56 -4.64 -16.40
CA ALA A 26 -46.46 -5.53 -15.68
C ALA A 26 -46.40 -5.19 -14.20
N ARG A 27 -47.38 -5.67 -13.45
CA ARG A 27 -47.43 -5.48 -12.01
C ARG A 27 -47.60 -6.84 -11.35
N VAL A 28 -46.57 -7.26 -10.61
CA VAL A 28 -46.57 -8.55 -9.94
C VAL A 28 -46.14 -8.35 -8.49
N GLY A 29 -46.93 -8.88 -7.56
CA GLY A 29 -46.55 -8.86 -6.16
C GLY A 29 -46.33 -7.47 -5.59
N GLY A 30 -46.98 -6.46 -6.14
CA GLY A 30 -46.90 -5.12 -5.60
C GLY A 30 -45.78 -4.26 -6.16
N ASN A 31 -45.22 -4.63 -7.31
CA ASN A 31 -44.13 -3.85 -7.87
C ASN A 31 -44.21 -3.92 -9.39
N ILE A 32 -43.51 -2.99 -10.03
CA ILE A 32 -43.47 -2.91 -11.49
C ILE A 32 -42.25 -3.68 -11.97
N GLU A 33 -42.46 -4.54 -12.98
CA GLU A 33 -41.37 -5.37 -13.53
C GLU A 33 -41.16 -4.99 -14.99
N VAL A 34 -39.95 -4.58 -15.36
CA VAL A 34 -39.63 -4.17 -16.75
C VAL A 34 -39.03 -5.37 -17.48
N LEU A 35 -39.86 -6.10 -18.24
CA LEU A 35 -39.41 -7.32 -18.97
C LEU A 35 -39.02 -8.38 -17.94
N GLY A 36 -39.79 -8.46 -16.85
CA GLY A 36 -39.55 -9.51 -15.83
C GLY A 36 -38.59 -9.05 -14.77
N PHE A 37 -37.97 -7.88 -14.96
CA PHE A 37 -36.96 -7.37 -14.00
C PHE A 37 -37.58 -6.53 -12.89
N ASN A 38 -37.22 -6.82 -11.65
CA ASN A 38 -37.71 -6.00 -10.52
C ASN A 38 -36.70 -4.88 -10.32
N ALA A 39 -37.01 -3.91 -9.47
CA ALA A 39 -36.01 -2.87 -9.18
C ALA A 39 -34.72 -3.54 -8.77
N ARG A 40 -34.80 -4.59 -7.96
CA ARG A 40 -33.53 -5.16 -7.48
C ARG A 40 -32.73 -5.63 -8.68
N GLN A 41 -33.42 -6.17 -9.67
CA GLN A 41 -32.71 -6.61 -10.89
C GLN A 41 -32.38 -5.36 -11.69
N ARG A 42 -33.29 -4.40 -11.68
CA ARG A 42 -33.13 -3.19 -12.51
C ARG A 42 -31.96 -2.39 -11.94
N LYS A 43 -31.86 -2.22 -10.62
CA LYS A 43 -30.71 -1.55 -10.03
C LYS A 43 -29.43 -2.34 -10.24
N ALA A 44 -29.48 -3.63 -9.93
CA ALA A 44 -28.25 -4.45 -10.05
C ALA A 44 -27.68 -4.26 -11.45
N PHE A 45 -28.51 -4.48 -12.47
CA PHE A 45 -28.07 -4.33 -13.87
C PHE A 45 -27.21 -3.07 -13.97
N LEU A 46 -27.81 -1.93 -13.63
CA LEU A 46 -27.07 -0.69 -13.82
C LEU A 46 -25.72 -0.73 -13.11
N ASN A 47 -25.71 -1.24 -11.88
CA ASN A 47 -24.46 -1.28 -11.12
C ASN A 47 -23.40 -2.08 -11.87
N ALA A 48 -23.80 -3.16 -12.53
CA ALA A 48 -22.87 -4.02 -13.28
C ALA A 48 -22.53 -3.38 -14.63
N ILE A 49 -23.36 -2.46 -15.10
CA ILE A 49 -23.02 -1.76 -16.35
C ILE A 49 -21.97 -0.70 -16.00
N MET A 50 -22.19 0.06 -14.93
CA MET A 50 -21.20 1.09 -14.61
C MET A 50 -19.84 0.48 -14.31
N ARG A 51 -19.82 -0.74 -13.77
CA ARG A 51 -18.56 -1.36 -13.35
C ARG A 51 -17.85 -2.07 -14.50
N TYR A 52 -18.59 -2.75 -15.37
CA TYR A 52 -18.01 -3.54 -16.44
C TYR A 52 -18.33 -3.02 -17.83
N GLY A 53 -19.29 -2.12 -17.97
CA GLY A 53 -19.73 -1.70 -19.28
C GLY A 53 -20.67 -2.72 -19.90
N MET A 54 -20.89 -2.61 -21.20
CA MET A 54 -21.82 -3.53 -21.90
C MET A 54 -21.07 -4.80 -22.29
N PRO A 55 -21.67 -6.01 -22.11
CA PRO A 55 -21.03 -7.24 -22.57
C PRO A 55 -20.98 -7.22 -24.10
N PRO A 56 -19.85 -7.60 -24.75
CA PRO A 56 -19.75 -7.47 -26.21
C PRO A 56 -20.57 -8.55 -26.92
N GLN A 57 -21.83 -8.26 -27.24
CA GLN A 57 -22.74 -9.25 -27.88
C GLN A 57 -23.02 -10.38 -26.90
N ASP A 58 -21.96 -11.02 -26.38
CA ASP A 58 -22.16 -12.07 -25.35
C ASP A 58 -20.99 -12.09 -24.38
N ALA A 59 -21.25 -12.43 -23.12
CA ALA A 59 -20.18 -12.57 -22.10
C ALA A 59 -20.78 -13.08 -20.78
N PHE A 60 -19.95 -13.69 -19.93
CA PHE A 60 -20.44 -14.30 -18.67
C PHE A 60 -21.52 -13.39 -18.07
N VAL A 66 -23.56 -10.77 -12.64
CA VAL A 66 -24.73 -11.69 -12.57
C VAL A 66 -24.85 -12.25 -11.15
N ARG A 67 -25.40 -11.48 -10.22
CA ARG A 67 -25.64 -11.98 -8.84
C ARG A 67 -27.15 -11.97 -8.60
N ASP A 68 -27.74 -10.80 -8.36
CA ASP A 68 -29.22 -10.76 -8.23
C ASP A 68 -29.81 -11.28 -9.55
N LEU A 69 -29.11 -11.05 -10.67
CA LEU A 69 -29.65 -11.45 -11.99
C LEU A 69 -29.26 -12.90 -12.29
N ARG A 70 -28.91 -13.68 -11.27
CA ARG A 70 -28.50 -15.08 -11.44
C ARG A 70 -29.61 -15.87 -12.16
N GLY A 71 -30.87 -15.75 -11.73
CA GLY A 71 -31.97 -16.51 -12.27
C GLY A 71 -32.45 -16.05 -13.63
N LYS A 72 -31.96 -14.87 -14.03
CA LYS A 72 -32.35 -14.33 -15.34
C LYS A 72 -31.77 -15.24 -16.42
N SER A 73 -32.42 -15.29 -17.56
CA SER A 73 -31.95 -16.14 -18.69
C SER A 73 -31.40 -15.24 -19.79
N GLU A 74 -30.79 -15.86 -20.80
CA GLU A 74 -30.21 -15.12 -21.94
C GLU A 74 -31.34 -14.48 -22.71
N LYS A 75 -32.45 -15.20 -22.87
CA LYS A 75 -33.59 -14.65 -23.61
C LYS A 75 -34.00 -13.29 -23.07
N GLU A 76 -34.18 -13.23 -21.74
CA GLU A 76 -34.63 -11.99 -21.08
C GLU A 76 -33.50 -10.97 -21.07
N PHE A 77 -32.25 -11.40 -20.89
CA PHE A 77 -31.11 -10.47 -20.78
C PHE A 77 -31.12 -9.51 -21.96
N LYS A 78 -31.04 -10.00 -23.20
CA LYS A 78 -30.92 -9.13 -24.39
C LYS A 78 -32.17 -8.28 -24.51
N ALA A 79 -33.35 -8.79 -24.13
CA ALA A 79 -34.56 -7.99 -24.13
C ALA A 79 -34.34 -6.69 -23.38
N TYR A 80 -33.67 -6.77 -22.23
CA TYR A 80 -33.43 -5.55 -21.42
C TYR A 80 -32.39 -4.68 -22.12
N VAL A 81 -31.29 -5.27 -22.58
CA VAL A 81 -30.20 -4.48 -23.14
C VAL A 81 -30.71 -3.59 -24.26
N SER A 82 -31.28 -4.22 -25.30
CA SER A 82 -31.75 -3.47 -26.49
C SER A 82 -32.81 -2.45 -26.06
N LEU A 83 -33.62 -2.79 -25.06
CA LEU A 83 -34.65 -1.86 -24.51
C LEU A 83 -33.92 -0.75 -23.74
N PHE A 84 -32.78 -1.08 -23.13
CA PHE A 84 -31.96 -0.07 -22.42
C PHE A 84 -31.30 0.84 -23.45
N MET A 85 -30.88 0.25 -24.57
CA MET A 85 -30.23 1.03 -25.63
C MET A 85 -31.15 2.13 -26.13
N ARG A 86 -32.31 1.72 -26.60
CA ARG A 86 -33.26 2.72 -27.14
C ARG A 86 -33.32 3.85 -26.12
N HIS A 87 -33.48 3.49 -24.85
CA HIS A 87 -33.61 4.51 -23.79
C HIS A 87 -32.45 5.50 -23.83
N LEU A 88 -31.22 5.00 -23.95
CA LEU A 88 -30.04 5.89 -23.89
C LEU A 88 -30.15 6.97 -24.98
N CYS A 89 -30.38 6.58 -26.24
CA CYS A 89 -30.42 7.62 -27.30
C CYS A 89 -31.85 7.78 -27.83
N SER A 109 -27.75 11.43 -15.37
CA SER A 109 -26.98 10.17 -15.48
C SER A 109 -27.19 9.57 -16.88
N ARG A 110 -28.13 10.12 -17.66
CA ARG A 110 -28.25 9.60 -19.03
C ARG A 110 -26.89 9.73 -19.71
N GLN A 111 -26.31 10.92 -19.76
CA GLN A 111 -24.97 11.02 -20.32
C GLN A 111 -23.96 10.26 -19.49
N HIS A 112 -24.19 10.18 -18.19
CA HIS A 112 -23.19 9.50 -17.34
C HIS A 112 -23.06 8.06 -17.82
N VAL A 113 -24.18 7.34 -17.89
CA VAL A 113 -24.13 5.95 -18.31
C VAL A 113 -23.55 5.86 -19.72
N LEU A 114 -23.92 6.80 -20.60
CA LEU A 114 -23.46 6.74 -21.98
C LEU A 114 -21.93 6.76 -22.06
N THR A 115 -21.30 7.72 -21.37
CA THR A 115 -19.85 7.84 -21.44
C THR A 115 -19.16 6.65 -20.78
N ARG A 116 -19.64 6.25 -19.59
CA ARG A 116 -19.04 5.10 -18.92
C ARG A 116 -19.11 3.86 -19.80
N ILE A 117 -20.23 3.69 -20.49
CA ILE A 117 -20.38 2.48 -21.35
C ILE A 117 -19.41 2.60 -22.52
N GLY A 118 -19.31 3.79 -23.11
CA GLY A 118 -18.37 3.97 -24.21
C GLY A 118 -16.94 3.80 -23.77
N VAL A 119 -16.53 4.53 -22.74
CA VAL A 119 -15.15 4.47 -22.20
C VAL A 119 -14.76 3.00 -22.04
N MET A 120 -15.57 2.23 -21.35
CA MET A 120 -15.25 0.81 -21.06
C MET A 120 -15.09 0.06 -22.38
N SER A 121 -15.81 0.45 -23.44
CA SER A 121 -15.64 -0.17 -24.75
C SER A 121 -14.30 0.23 -25.38
N LEU A 122 -13.90 1.49 -25.19
CA LEU A 122 -12.61 1.93 -25.70
C LEU A 122 -11.47 1.15 -25.05
N ILE A 123 -11.59 0.94 -23.76
CA ILE A 123 -10.55 0.22 -22.99
C ILE A 123 -10.51 -1.20 -23.55
N ARG A 124 -11.64 -1.83 -23.80
CA ARG A 124 -11.69 -3.24 -24.26
C ARG A 124 -11.04 -3.33 -25.65
N LYS A 125 -11.32 -2.38 -26.53
CA LYS A 125 -10.62 -2.40 -27.84
C LYS A 125 -9.11 -2.36 -27.63
N LYS A 126 -8.60 -1.44 -26.80
CA LYS A 126 -7.14 -1.30 -26.66
C LYS A 126 -6.54 -2.57 -26.09
N VAL A 127 -7.07 -3.04 -24.96
CA VAL A 127 -6.47 -4.24 -24.31
C VAL A 127 -6.44 -5.37 -25.34
N GLN A 128 -7.55 -5.60 -26.05
CA GLN A 128 -7.62 -6.69 -27.01
C GLN A 128 -6.64 -6.49 -28.17
N GLU A 129 -6.39 -5.23 -28.54
CA GLU A 129 -5.46 -4.97 -29.64
C GLU A 129 -4.10 -5.59 -29.37
N PHE A 130 -3.61 -5.49 -28.13
CA PHE A 130 -2.25 -5.98 -27.81
C PHE A 130 -2.29 -7.18 -26.86
N GLU A 131 -3.45 -7.72 -26.52
CA GLU A 131 -3.55 -8.83 -25.54
C GLU A 131 -2.58 -9.96 -25.90
N HIS A 132 -2.57 -10.37 -27.17
CA HIS A 132 -1.74 -11.52 -27.61
C HIS A 132 -0.27 -11.37 -27.28
N VAL A 133 0.35 -10.26 -27.71
CA VAL A 133 1.83 -10.10 -27.53
C VAL A 133 2.19 -9.98 -26.04
N ASN A 134 1.32 -9.39 -25.22
CA ASN A 134 1.69 -9.09 -23.81
C ASN A 134 1.37 -10.26 -22.86
N GLY A 135 0.43 -11.15 -23.19
CA GLY A 135 0.02 -12.18 -22.27
C GLY A 135 -1.00 -11.71 -21.26
N ARG A 136 -1.15 -12.50 -20.21
CA ARG A 136 -2.13 -12.23 -19.16
C ARG A 136 -1.48 -12.12 -17.78
N TRP A 137 -0.17 -11.96 -17.71
CA TRP A 137 0.54 -11.84 -16.45
C TRP A 137 1.57 -10.72 -16.56
N SER A 138 1.41 -9.69 -15.73
CA SER A 138 2.28 -8.51 -15.82
C SER A 138 3.72 -8.87 -15.52
N MET A 139 3.95 -9.36 -14.31
CA MET A 139 5.31 -9.83 -13.98
C MET A 139 5.28 -11.35 -14.08
N PRO A 140 5.79 -11.96 -15.15
CA PRO A 140 5.70 -13.41 -15.34
C PRO A 140 6.49 -14.09 -14.23
N GLU A 141 5.96 -15.16 -13.64
CA GLU A 141 6.60 -15.87 -12.51
C GLU A 141 6.43 -15.05 -11.23
N PHE A 317 6.68 -7.56 -25.42
CA PHE A 317 5.69 -6.59 -24.98
C PHE A 317 5.48 -5.48 -26.02
N MET A 318 4.24 -5.00 -26.10
CA MET A 318 3.91 -3.92 -27.06
C MET A 318 2.64 -3.19 -26.63
N PHE A 319 2.66 -1.86 -26.66
CA PHE A 319 1.49 -1.05 -26.31
C PHE A 319 1.68 0.39 -26.76
N ASN A 320 0.68 0.95 -27.41
CA ASN A 320 0.68 2.37 -27.74
C ASN A 320 -0.75 2.90 -27.73
N ILE A 321 -0.91 4.19 -27.46
CA ILE A 321 -2.22 4.88 -27.52
C ILE A 321 -2.05 6.08 -28.45
N ALA A 322 -2.82 6.16 -29.52
CA ALA A 322 -2.58 7.26 -30.50
C ALA A 322 -3.40 8.52 -30.20
N ASP A 323 -2.98 9.32 -29.22
CA ASP A 323 -3.70 10.58 -28.90
C ASP A 323 -3.16 11.74 -29.73
N GLY A 324 -2.23 11.47 -30.64
CA GLY A 324 -1.71 12.52 -31.48
C GLY A 324 -0.97 13.62 -30.75
N GLY A 325 -0.53 13.35 -29.52
CA GLY A 325 0.18 14.35 -28.74
C GLY A 325 -0.71 15.42 -28.15
N PHE A 326 -1.99 15.13 -27.91
CA PHE A 326 -2.92 16.09 -27.35
C PHE A 326 -3.09 15.95 -25.84
N THR A 327 -2.61 14.87 -25.25
CA THR A 327 -2.46 14.73 -23.81
C THR A 327 -0.99 14.62 -23.47
N GLU A 328 -0.65 14.94 -22.22
CA GLU A 328 0.73 14.84 -21.76
C GLU A 328 1.26 13.42 -21.79
N LEU A 329 0.42 12.43 -22.10
CA LEU A 329 0.81 11.03 -22.00
C LEU A 329 2.10 10.75 -22.76
N HIS A 330 2.13 11.11 -24.04
CA HIS A 330 3.31 10.73 -24.86
C HIS A 330 4.56 11.38 -24.28
N SER A 331 4.44 12.61 -23.79
CA SER A 331 5.59 13.29 -23.16
C SER A 331 5.87 12.57 -21.84
N LEU A 332 4.85 12.08 -21.17
CA LEU A 332 5.07 11.34 -19.90
C LEU A 332 5.77 10.02 -20.24
N TRP A 333 5.27 9.32 -21.25
CA TRP A 333 5.82 8.01 -21.56
C TRP A 333 7.30 8.11 -21.91
N GLN A 334 7.66 9.13 -22.69
CA GLN A 334 9.04 9.28 -23.13
C GLN A 334 9.98 9.37 -21.93
N ASN A 335 9.72 10.34 -21.03
CA ASN A 335 10.58 10.52 -19.87
C ASN A 335 10.58 9.26 -19.00
N GLU A 336 9.42 8.64 -18.83
CA GLU A 336 9.28 7.48 -17.93
C GLU A 336 10.05 6.31 -18.51
N GLU A 337 10.01 6.12 -19.83
CA GLU A 337 10.66 4.94 -20.45
C GLU A 337 12.17 5.16 -20.47
N ARG A 338 12.64 6.41 -20.59
CA ARG A 338 14.07 6.65 -20.52
C ARG A 338 14.67 6.06 -19.25
N ALA A 339 14.04 6.33 -18.10
CA ALA A 339 14.60 5.85 -16.84
C ALA A 339 14.43 4.33 -16.71
N ALA A 340 13.34 3.78 -17.22
CA ALA A 340 13.08 2.33 -17.09
C ALA A 340 14.15 1.55 -17.83
N THR A 341 14.69 2.12 -18.91
CA THR A 341 15.66 1.43 -19.79
C THR A 341 17.09 1.68 -19.31
N VAL A 342 17.45 2.91 -19.01
CA VAL A 342 18.84 3.29 -18.60
C VAL A 342 19.18 2.59 -17.29
N THR A 343 18.20 2.39 -16.42
CA THR A 343 18.38 1.74 -15.09
C THR A 343 18.05 0.26 -15.21
N LYS A 344 17.29 -0.10 -16.24
CA LYS A 344 16.90 -1.51 -16.51
C LYS A 344 15.95 -2.00 -15.42
N LYS A 345 15.43 -1.10 -14.58
CA LYS A 345 14.46 -1.48 -13.55
C LYS A 345 13.06 -1.35 -14.17
N THR A 346 12.69 -2.36 -14.94
CA THR A 346 11.47 -2.27 -15.75
C THR A 346 10.22 -2.21 -14.87
N TYR A 347 10.11 -3.09 -13.89
CA TYR A 347 8.85 -3.16 -13.10
C TYR A 347 8.81 -2.13 -11.97
N GLU A 348 9.95 -1.58 -11.56
CA GLU A 348 9.96 -0.68 -10.37
C GLU A 348 9.79 0.79 -10.77
N ILE A 349 9.84 1.08 -12.06
CA ILE A 349 9.62 2.45 -12.54
C ILE A 349 8.35 2.42 -13.39
N TRP A 350 7.30 3.07 -12.90
CA TRP A 350 6.01 3.08 -13.64
C TRP A 350 6.24 3.70 -15.02
N HIS A 351 5.65 3.09 -16.03
CA HIS A 351 5.78 3.62 -17.40
C HIS A 351 4.70 3.05 -18.30
N ARG A 352 4.88 3.17 -19.61
CA ARG A 352 3.90 2.66 -20.59
C ARG A 352 3.47 1.25 -20.22
N ARG A 353 4.40 0.40 -19.76
CA ARG A 353 4.05 -0.99 -19.48
C ARG A 353 3.01 -1.08 -18.37
N HIS A 354 3.09 -0.21 -17.37
CA HIS A 354 2.17 -0.30 -16.25
C HIS A 354 0.77 0.13 -16.64
N ASP A 355 0.63 1.03 -17.61
CA ASP A 355 -0.68 1.52 -17.98
C ASP A 355 -1.49 0.44 -18.70
N TYR A 356 -0.84 -0.37 -19.53
CA TYR A 356 -1.54 -1.51 -20.12
C TYR A 356 -2.18 -2.35 -19.02
N TRP A 357 -1.36 -2.76 -18.04
CA TRP A 357 -1.86 -3.65 -17.00
C TRP A 357 -2.86 -2.97 -16.10
N LEU A 358 -2.75 -1.65 -15.95
CA LEU A 358 -3.82 -0.91 -15.28
C LEU A 358 -5.11 -1.02 -16.08
N LEU A 359 -5.03 -0.78 -17.39
CA LEU A 359 -6.22 -0.93 -18.23
C LEU A 359 -6.73 -2.36 -18.23
N ALA A 360 -5.82 -3.34 -18.34
CA ALA A 360 -6.25 -4.73 -18.30
C ALA A 360 -7.00 -5.03 -17.02
N GLY A 361 -6.54 -4.49 -15.90
CA GLY A 361 -7.22 -4.73 -14.63
C GLY A 361 -8.63 -4.14 -14.61
N ILE A 362 -8.77 -2.95 -15.19
CA ILE A 362 -10.08 -2.22 -15.18
C ILE A 362 -11.13 -3.05 -15.90
N ILE A 363 -10.71 -3.97 -16.78
CA ILE A 363 -11.63 -4.83 -17.56
C ILE A 363 -11.88 -6.12 -16.78
N ASN A 364 -10.83 -6.80 -16.30
CA ASN A 364 -11.00 -8.04 -15.55
C ASN A 364 -11.75 -7.79 -14.24
N HIS A 365 -11.50 -6.65 -13.60
CA HIS A 365 -12.02 -6.42 -12.25
C HIS A 365 -13.09 -5.35 -12.16
N GLY A 366 -13.16 -4.42 -13.11
CA GLY A 366 -14.20 -3.41 -13.14
C GLY A 366 -13.66 -2.00 -13.06
N TYR A 367 -14.55 -1.03 -13.23
CA TYR A 367 -14.13 0.39 -13.24
C TYR A 367 -13.72 0.85 -11.85
N ALA A 368 -12.56 1.49 -11.74
CA ALA A 368 -12.12 2.06 -10.45
C ALA A 368 -12.13 1.01 -9.35
N ARG A 369 -11.61 -0.19 -9.61
CA ARG A 369 -11.54 -1.16 -8.53
C ARG A 369 -10.08 -1.36 -8.14
N TRP A 370 -9.50 -0.31 -7.55
CA TRP A 370 -8.06 -0.31 -7.28
C TRP A 370 -7.66 -1.45 -6.36
N GLN A 371 -8.48 -1.78 -5.39
CA GLN A 371 -8.08 -2.82 -4.42
C GLN A 371 -8.19 -4.19 -5.11
N ASP A 372 -9.28 -4.49 -5.82
CA ASP A 372 -9.38 -5.78 -6.50
C ASP A 372 -8.26 -5.97 -7.51
N ILE A 373 -7.83 -4.88 -8.16
CA ILE A 373 -6.73 -4.98 -9.13
C ILE A 373 -5.42 -5.25 -8.40
N GLN A 374 -5.16 -4.50 -7.32
CA GLN A 374 -3.89 -4.64 -6.62
C GLN A 374 -3.71 -6.05 -6.08
N ASN A 375 -4.78 -6.63 -5.52
CA ASN A 375 -4.67 -7.93 -4.88
C ASN A 375 -4.53 -9.06 -5.90
N ASP A 376 -4.81 -8.81 -7.17
CA ASP A 376 -4.70 -9.86 -8.18
C ASP A 376 -3.23 -10.04 -8.56
N PRO A 377 -2.68 -11.26 -8.42
CA PRO A 377 -1.28 -11.46 -8.82
C PRO A 377 -1.02 -11.11 -10.28
N ARG A 378 -2.02 -11.23 -11.15
CA ARG A 378 -1.83 -10.93 -12.55
C ARG A 378 -1.29 -9.52 -12.78
N TYR A 379 -1.53 -8.60 -11.84
CA TYR A 379 -1.18 -7.19 -12.03
C TYR A 379 -0.25 -6.70 -10.94
N ALA A 380 0.61 -7.58 -10.43
CA ALA A 380 1.52 -7.19 -9.36
C ALA A 380 2.49 -6.09 -9.80
N ILE A 381 2.64 -5.87 -11.10
CA ILE A 381 3.54 -4.81 -11.55
C ILE A 381 3.04 -3.46 -11.05
N LEU A 382 1.73 -3.28 -10.93
CA LEU A 382 1.20 -2.02 -10.47
C LEU A 382 1.61 -1.71 -9.04
N ASN A 383 1.99 -2.73 -8.26
CA ASN A 383 2.41 -2.52 -6.89
C ASN A 383 3.90 -2.24 -6.75
N GLU A 384 4.70 -2.62 -7.73
CA GLU A 384 6.16 -2.64 -7.61
C GLU A 384 6.78 -1.25 -7.48
N PRO A 385 6.29 -0.22 -8.19
CA PRO A 385 6.88 1.11 -8.01
C PRO A 385 6.64 1.72 -6.63
N PHE A 386 5.81 1.09 -5.81
CA PHE A 386 5.44 1.70 -4.51
C PHE A 386 5.85 0.81 -3.35
N LYS A 387 7.00 0.13 -3.42
CA LYS A 387 7.42 -0.71 -2.27
C LYS A 387 8.12 0.16 -1.23
N GLY A 388 8.43 1.39 -1.61
CA GLY A 388 9.13 2.28 -0.69
C GLY A 388 8.25 2.71 0.46
N GLU A 389 6.95 2.89 0.23
CA GLU A 389 6.06 3.45 1.27
C GLU A 389 5.08 2.42 1.81
N MET A 390 5.51 1.16 1.93
CA MET A 390 4.63 0.09 2.43
C MET A 390 4.37 0.29 3.91
N ASN A 391 5.26 1.01 4.60
CA ASN A 391 5.11 1.17 6.06
C ASN A 391 4.23 2.37 6.39
N ARG A 392 3.84 3.14 5.39
CA ARG A 392 3.03 4.36 5.65
C ARG A 392 1.57 3.95 5.86
N GLY A 393 0.95 4.44 6.93
CA GLY A 393 -0.43 4.10 7.24
C GLY A 393 -1.35 4.24 6.04
N ASN A 394 -1.24 5.36 5.32
CA ASN A 394 -2.06 5.62 4.14
C ASN A 394 -1.63 4.82 2.91
N PHE A 395 -0.77 3.81 3.05
CA PHE A 395 -0.19 3.14 1.89
C PHE A 395 -1.25 2.82 0.83
N LEU A 396 -2.29 2.08 1.23
CA LEU A 396 -3.33 1.70 0.29
C LEU A 396 -4.00 2.90 -0.36
N GLU A 397 -3.85 4.09 0.22
CA GLU A 397 -4.48 5.28 -0.35
C GLU A 397 -3.61 5.89 -1.43
N ILE A 398 -2.35 6.10 -1.08
CA ILE A 398 -1.34 6.70 -1.98
C ILE A 398 -1.41 5.96 -3.30
N LYS A 399 -1.44 4.63 -3.23
CA LYS A 399 -1.52 3.78 -4.43
C LYS A 399 -2.81 4.13 -5.15
N ASN A 400 -3.95 4.11 -4.46
CA ASN A 400 -5.28 4.36 -5.07
C ASN A 400 -5.31 5.76 -5.68
N LYS A 401 -4.68 6.75 -5.06
CA LYS A 401 -4.69 8.15 -5.54
C LYS A 401 -3.81 8.24 -6.78
N PHE A 402 -2.74 7.45 -6.86
CA PHE A 402 -1.91 7.43 -8.06
C PHE A 402 -2.65 6.76 -9.21
N LEU A 403 -3.26 5.60 -8.96
CA LEU A 403 -3.96 4.89 -10.03
C LEU A 403 -5.11 5.72 -10.58
N ALA A 404 -5.89 6.34 -9.71
CA ALA A 404 -7.01 7.16 -10.15
C ALA A 404 -6.52 8.36 -10.96
N ARG A 405 -5.51 9.05 -10.45
CA ARG A 405 -4.97 10.22 -11.19
C ARG A 405 -4.38 9.75 -12.52
N ARG A 406 -3.85 8.53 -12.57
CA ARG A 406 -3.26 8.02 -13.80
C ARG A 406 -4.34 7.57 -14.78
N PHE A 407 -5.28 6.74 -14.32
CA PHE A 407 -6.32 6.25 -15.21
C PHE A 407 -7.15 7.40 -15.78
N LYS A 408 -7.29 8.50 -15.03
CA LYS A 408 -8.01 9.65 -15.56
C LYS A 408 -7.31 10.19 -16.80
N LEU A 409 -5.98 10.22 -16.79
CA LEU A 409 -5.25 10.64 -17.99
C LEU A 409 -5.41 9.63 -19.11
N LEU A 410 -5.21 8.35 -18.79
CA LEU A 410 -5.40 7.31 -19.81
C LEU A 410 -6.79 7.43 -20.42
N GLU A 411 -7.80 7.64 -19.60
CA GLU A 411 -9.18 7.78 -20.08
C GLU A 411 -9.19 8.85 -21.16
N GLN A 412 -8.61 10.02 -20.89
CA GLN A 412 -8.58 11.10 -21.87
C GLN A 412 -7.91 10.64 -23.15
N ALA A 413 -6.65 10.19 -23.05
CA ALA A 413 -5.93 9.75 -24.24
C ALA A 413 -6.73 8.72 -25.02
N LEU A 414 -7.40 7.81 -24.33
CA LEU A 414 -8.21 6.80 -25.01
C LEU A 414 -9.36 7.45 -25.79
N VAL A 415 -9.98 8.45 -25.18
CA VAL A 415 -11.15 9.12 -25.81
C VAL A 415 -10.63 9.96 -26.96
N ILE A 416 -9.52 10.67 -26.78
CA ILE A 416 -8.92 11.56 -27.81
C ILE A 416 -8.55 10.72 -29.01
N GLU A 417 -7.94 9.55 -28.80
CA GLU A 417 -7.51 8.64 -29.88
C GLU A 417 -8.71 8.23 -30.71
N GLU A 418 -9.87 8.06 -30.08
CA GLU A 418 -11.11 7.67 -30.75
C GLU A 418 -11.63 8.80 -31.63
N GLN A 419 -11.60 10.01 -31.09
CA GLN A 419 -12.09 11.20 -31.83
C GLN A 419 -11.17 11.43 -33.02
N LEU A 420 -9.90 11.06 -32.89
CA LEU A 420 -8.91 11.25 -33.97
C LEU A 420 -9.17 10.19 -35.04
N ARG A 421 -9.47 8.95 -34.65
CA ARG A 421 -9.77 7.90 -35.61
C ARG A 421 -11.07 8.19 -36.34
N ARG A 422 -12.04 8.76 -35.65
CA ARG A 422 -13.37 8.98 -36.26
C ARG A 422 -13.32 10.20 -37.19
N ALA A 423 -12.55 11.24 -36.86
CA ALA A 423 -12.43 12.40 -37.74
C ALA A 423 -11.59 12.10 -38.96
N ALA A 424 -10.67 11.13 -38.87
CA ALA A 424 -9.85 10.77 -40.02
C ALA A 424 -10.69 10.22 -41.17
N TYR A 425 -11.91 9.77 -40.90
CA TYR A 425 -12.81 9.30 -41.93
C TYR A 425 -13.61 10.42 -42.57
N LEU A 426 -13.53 11.62 -42.04
CA LEU A 426 -14.22 12.80 -42.62
C LEU A 426 -15.71 12.49 -42.75
N ASN A 427 -16.28 11.67 -41.86
CA ASN A 427 -17.70 11.35 -41.82
C ASN A 427 -18.11 10.42 -42.97
N MET A 428 -17.22 9.51 -43.36
CA MET A 428 -17.50 8.58 -44.46
C MET A 428 -17.32 7.15 -43.95
N SER A 429 -18.33 6.65 -43.25
CA SER A 429 -18.37 5.27 -42.79
C SER A 429 -17.00 4.77 -42.29
N LEU B 21 4.90 -28.13 7.15
CA LEU B 21 4.71 -29.18 6.12
C LEU B 21 6.05 -29.49 5.46
N PRO B 22 6.73 -28.53 4.80
CA PRO B 22 8.06 -28.77 4.25
C PRO B 22 8.92 -29.53 5.23
N PRO B 23 9.91 -30.29 4.75
CA PRO B 23 10.83 -30.97 5.66
C PRO B 23 11.83 -29.99 6.28
N LEU B 24 12.51 -30.46 7.34
CA LEU B 24 13.54 -29.65 8.04
C LEU B 24 14.60 -29.23 7.04
N LEU B 25 15.23 -30.19 6.38
CA LEU B 25 16.22 -29.95 5.34
C LEU B 25 15.78 -30.68 4.08
N ALA B 26 16.00 -30.04 2.93
CA ALA B 26 15.65 -30.63 1.65
C ALA B 26 16.40 -29.89 0.56
N ARG B 27 16.97 -30.63 -0.39
CA ARG B 27 17.62 -30.05 -1.54
C ARG B 27 16.62 -29.97 -2.69
N VAL B 28 16.30 -28.75 -3.12
CA VAL B 28 15.44 -28.54 -4.27
C VAL B 28 15.98 -27.36 -5.06
N GLY B 29 15.74 -27.38 -6.36
CA GLY B 29 16.17 -26.29 -7.23
C GLY B 29 17.66 -25.98 -7.12
N GLY B 30 18.44 -26.95 -6.67
CA GLY B 30 19.87 -26.75 -6.55
C GLY B 30 20.28 -25.93 -5.35
N ASN B 31 19.61 -26.11 -4.22
CA ASN B 31 19.95 -25.37 -3.02
C ASN B 31 19.29 -26.05 -1.83
N ILE B 32 19.97 -25.97 -0.68
CA ILE B 32 19.42 -26.51 0.56
C ILE B 32 18.43 -25.50 1.14
N GLU B 33 17.27 -26.01 1.53
CA GLU B 33 16.18 -25.16 2.07
C GLU B 33 15.78 -25.67 3.46
N VAL B 34 15.59 -24.77 4.43
CA VAL B 34 15.19 -25.14 5.81
C VAL B 34 13.71 -24.83 6.01
N LEU B 35 12.89 -25.81 6.37
CA LEU B 35 11.44 -25.61 6.57
C LEU B 35 10.87 -24.96 5.31
N GLY B 36 11.53 -25.14 4.16
CA GLY B 36 11.09 -24.55 2.89
C GLY B 36 11.85 -23.28 2.58
N PHE B 37 12.44 -22.65 3.59
CA PHE B 37 13.22 -21.40 3.42
C PHE B 37 14.55 -21.68 2.72
N ASN B 38 14.76 -21.20 1.51
CA ASN B 38 16.04 -21.32 0.82
C ASN B 38 16.97 -20.19 1.27
N ALA B 39 18.18 -20.18 0.73
CA ALA B 39 19.20 -19.25 1.20
C ALA B 39 18.74 -17.80 1.08
N ARG B 40 18.03 -17.47 0.01
CA ARG B 40 17.53 -16.11 -0.15
C ARG B 40 16.48 -15.79 0.90
N GLN B 41 15.49 -16.68 1.05
CA GLN B 41 14.44 -16.45 2.03
C GLN B 41 14.96 -16.46 3.46
N ARG B 42 16.11 -17.10 3.69
CA ARG B 42 16.68 -17.11 5.03
C ARG B 42 17.29 -15.75 5.38
N LYS B 43 17.95 -15.12 4.41
CA LYS B 43 18.57 -13.79 4.63
C LYS B 43 17.47 -12.75 4.70
N ALA B 44 16.37 -12.94 3.99
CA ALA B 44 15.24 -12.01 4.07
C ALA B 44 14.61 -12.03 5.45
N PHE B 45 14.56 -13.21 6.08
CA PHE B 45 13.98 -13.31 7.42
C PHE B 45 14.86 -12.60 8.44
N LEU B 46 16.17 -12.81 8.37
CA LEU B 46 17.07 -12.14 9.31
C LEU B 46 16.99 -10.63 9.16
N ASN B 47 17.13 -10.15 7.92
CA ASN B 47 17.06 -8.71 7.69
C ASN B 47 15.74 -8.13 8.21
N ALA B 48 14.66 -8.90 8.11
CA ALA B 48 13.38 -8.43 8.65
C ALA B 48 13.39 -8.45 10.18
N ILE B 49 13.96 -9.50 10.76
CA ILE B 49 13.99 -9.63 12.24
C ILE B 49 14.92 -8.54 12.80
N MET B 50 15.96 -8.15 12.07
CA MET B 50 16.85 -7.10 12.54
C MET B 50 16.26 -5.71 12.37
N ARG B 51 15.26 -5.56 11.49
CA ARG B 51 14.65 -4.25 11.27
C ARG B 51 13.39 -4.04 12.11
N TYR B 52 12.51 -5.04 12.19
CA TYR B 52 11.24 -4.90 12.89
C TYR B 52 11.18 -5.69 14.18
N GLY B 53 12.21 -6.45 14.51
CA GLY B 53 12.19 -7.27 15.70
C GLY B 53 11.46 -8.57 15.43
N MET B 54 10.69 -9.04 16.40
CA MET B 54 9.99 -10.30 16.25
C MET B 54 8.48 -10.06 16.26
N PRO B 55 7.72 -10.78 15.44
CA PRO B 55 6.27 -10.63 15.46
C PRO B 55 5.71 -10.95 16.83
N PRO B 56 4.73 -10.16 17.33
CA PRO B 56 4.17 -10.37 18.67
C PRO B 56 3.16 -11.52 18.66
N GLN B 57 3.31 -12.46 19.59
CA GLN B 57 2.38 -13.61 19.69
C GLN B 57 2.12 -14.14 18.27
N ASP B 58 3.09 -14.00 17.38
CA ASP B 58 2.85 -14.38 15.96
C ASP B 58 1.44 -13.87 15.63
N ALA B 59 1.12 -12.66 16.08
CA ALA B 59 -0.23 -12.11 15.88
C ALA B 59 -0.12 -10.89 14.95
N THR B 62 2.22 -8.41 8.62
CA THR B 62 2.05 -7.43 7.52
C THR B 62 3.41 -6.85 7.13
N GLN B 63 4.10 -6.20 8.08
CA GLN B 63 5.39 -5.54 7.78
C GLN B 63 6.47 -6.57 7.49
N TRP B 64 6.12 -7.86 7.53
CA TRP B 64 7.20 -8.85 7.40
C TRP B 64 7.23 -9.55 6.05
N LEU B 65 6.19 -9.41 5.22
CA LEU B 65 6.14 -10.09 3.93
C LEU B 65 6.99 -9.33 2.91
N VAL B 66 8.30 -9.37 3.14
CA VAL B 66 9.23 -8.85 2.14
C VAL B 66 9.02 -9.62 0.84
N ARG B 67 9.04 -8.89 -0.29
CA ARG B 67 8.76 -9.54 -1.57
C ARG B 67 9.69 -10.72 -1.81
N ASP B 68 10.93 -10.64 -1.34
CA ASP B 68 11.81 -11.81 -1.35
C ASP B 68 11.23 -12.95 -0.52
N LEU B 69 10.37 -12.64 0.45
CA LEU B 69 9.75 -13.65 1.30
C LEU B 69 8.24 -13.76 1.10
N ARG B 70 7.63 -12.79 0.42
CA ARG B 70 6.18 -12.73 0.22
C ARG B 70 5.81 -13.96 -0.60
N GLY B 71 4.73 -14.63 -0.24
CA GLY B 71 4.39 -15.89 -0.93
C GLY B 71 4.60 -17.02 0.05
N LYS B 72 4.98 -16.67 1.28
CA LYS B 72 5.13 -17.71 2.31
C LYS B 72 3.79 -17.91 3.01
N SER B 73 3.62 -19.02 3.72
CA SER B 73 2.39 -19.35 4.41
C SER B 73 2.54 -19.09 5.90
N GLU B 74 1.48 -18.58 6.53
CA GLU B 74 1.51 -18.35 7.97
C GLU B 74 1.83 -19.64 8.72
N LYS B 75 1.54 -20.79 8.12
CA LYS B 75 1.85 -22.07 8.76
C LYS B 75 3.35 -22.31 8.81
N GLU B 76 4.01 -22.35 7.64
CA GLU B 76 5.45 -22.58 7.61
C GLU B 76 6.22 -21.41 8.17
N PHE B 77 5.65 -20.21 8.14
CA PHE B 77 6.29 -19.06 8.79
C PHE B 77 6.50 -19.33 10.27
N LYS B 78 5.42 -19.57 11.00
CA LYS B 78 5.52 -19.81 12.44
C LYS B 78 6.58 -20.86 12.75
N ALA B 79 6.62 -21.94 11.97
CA ALA B 79 7.59 -23.00 12.23
C ALA B 79 9.02 -22.49 12.13
N TYR B 80 9.29 -21.67 11.11
CA TYR B 80 10.65 -21.08 11.03
C TYR B 80 10.89 -20.27 12.29
N VAL B 81 9.97 -19.35 12.57
CA VAL B 81 10.16 -18.50 13.74
C VAL B 81 10.43 -19.35 14.97
N SER B 82 9.76 -20.49 15.05
CA SER B 82 9.99 -21.40 16.19
C SER B 82 11.44 -21.89 16.14
N LEU B 83 11.78 -22.56 15.04
CA LEU B 83 13.13 -23.10 14.86
C LEU B 83 14.14 -21.99 15.13
N PHE B 84 14.01 -20.87 14.43
CA PHE B 84 14.93 -19.72 14.56
C PHE B 84 15.14 -19.37 16.04
N MET B 85 14.04 -19.18 16.75
CA MET B 85 14.11 -18.81 18.19
C MET B 85 14.94 -19.85 18.94
N ARG B 86 14.64 -21.12 18.75
CA ARG B 86 15.36 -22.22 19.45
C ARG B 86 16.86 -22.05 19.24
N HIS B 87 17.26 -21.57 18.07
CA HIS B 87 18.68 -21.42 17.74
C HIS B 87 19.34 -20.40 18.65
N LEU B 88 18.68 -19.26 18.86
CA LEU B 88 19.30 -18.18 19.65
C LEU B 88 19.66 -18.70 21.03
N CYS B 89 18.65 -19.17 21.79
CA CYS B 89 18.86 -19.70 23.17
C CYS B 89 20.04 -18.98 23.85
N LEU B 108 24.39 -10.89 12.53
CA LEU B 108 25.80 -11.00 12.82
C LEU B 108 26.03 -12.02 13.95
N SER B 109 26.30 -11.54 15.16
CA SER B 109 26.53 -12.44 16.29
C SER B 109 25.21 -12.90 16.89
N ARG B 110 25.26 -14.04 17.57
CA ARG B 110 24.07 -14.54 18.26
C ARG B 110 23.55 -13.51 19.26
N GLN B 111 24.44 -12.89 20.02
CA GLN B 111 24.03 -11.88 20.98
C GLN B 111 23.50 -10.64 20.27
N HIS B 112 24.11 -10.28 19.14
CA HIS B 112 23.65 -9.11 18.40
C HIS B 112 22.18 -9.24 18.04
N VAL B 113 21.76 -10.42 17.57
CA VAL B 113 20.37 -10.63 17.18
C VAL B 113 19.48 -10.60 18.41
N LEU B 114 19.84 -11.36 19.45
CA LEU B 114 19.05 -11.40 20.67
C LEU B 114 18.82 -9.99 21.21
N THR B 115 19.87 -9.17 21.24
CA THR B 115 19.74 -7.81 21.75
C THR B 115 18.79 -6.99 20.90
N ARG B 116 18.85 -7.17 19.57
CA ARG B 116 17.98 -6.42 18.68
C ARG B 116 16.52 -6.79 18.91
N ILE B 117 16.22 -8.09 18.93
CA ILE B 117 14.85 -8.55 19.15
C ILE B 117 14.31 -8.00 20.47
N GLY B 118 15.05 -8.23 21.56
CA GLY B 118 14.58 -7.78 22.86
C GLY B 118 14.32 -6.29 22.90
N VAL B 119 15.27 -5.50 22.39
CA VAL B 119 15.12 -4.03 22.33
C VAL B 119 13.83 -3.73 21.58
N MET B 120 13.70 -4.20 20.35
CA MET B 120 12.54 -3.86 19.51
C MET B 120 11.24 -4.27 20.19
N SER B 121 11.22 -5.29 21.05
CA SER B 121 10.01 -5.63 21.79
C SER B 121 9.72 -4.60 22.87
N LEU B 122 10.74 -4.22 23.64
CA LEU B 122 10.54 -3.22 24.69
C LEU B 122 10.01 -1.93 24.10
N ILE B 123 10.52 -1.56 22.93
CA ILE B 123 10.07 -0.34 22.21
C ILE B 123 8.61 -0.58 21.81
N ARG B 124 8.27 -1.76 21.31
CA ARG B 124 6.88 -2.10 20.96
C ARG B 124 5.99 -2.00 22.18
N LYS B 125 6.37 -2.65 23.28
CA LYS B 125 5.55 -2.58 24.49
C LYS B 125 5.38 -1.14 24.96
N LYS B 126 6.44 -0.35 24.87
CA LYS B 126 6.38 1.01 25.40
C LYS B 126 5.44 1.88 24.57
N VAL B 127 5.49 1.76 23.24
CA VAL B 127 4.60 2.54 22.40
C VAL B 127 3.15 2.18 22.70
N GLN B 128 2.85 0.89 22.71
CA GLN B 128 1.47 0.46 22.98
C GLN B 128 0.99 0.97 24.34
N GLU B 129 1.91 1.10 25.30
CA GLU B 129 1.51 1.53 26.64
C GLU B 129 0.73 2.84 26.58
N PHE B 130 1.20 3.80 25.80
CA PHE B 130 0.61 5.14 25.76
C PHE B 130 -0.05 5.46 24.43
N GLU B 131 -0.07 4.52 23.48
CA GLU B 131 -0.62 4.89 22.16
C GLU B 131 -2.08 5.33 22.32
N HIS B 132 -2.84 4.68 23.20
CA HIS B 132 -4.26 5.05 23.30
C HIS B 132 -4.44 6.51 23.70
N VAL B 133 -3.52 7.06 24.47
CA VAL B 133 -3.60 8.48 24.91
C VAL B 133 -3.00 9.38 23.84
N ASN B 134 -1.87 8.99 23.25
CA ASN B 134 -1.14 9.88 22.36
C ASN B 134 -1.68 9.88 20.94
N GLY B 135 -2.30 8.79 20.51
CA GLY B 135 -2.83 8.72 19.16
C GLY B 135 -1.78 8.25 18.16
N ARG B 136 -2.01 8.60 16.90
CA ARG B 136 -1.18 8.14 15.80
C ARG B 136 -0.51 9.24 15.01
N TRP B 137 -0.89 10.49 15.29
CA TRP B 137 -0.32 11.64 14.54
C TRP B 137 0.36 12.60 15.52
N SER B 138 1.67 12.77 15.37
CA SER B 138 2.41 13.64 16.28
C SER B 138 1.99 15.09 16.14
N MET B 139 1.44 15.48 14.99
CA MET B 139 0.98 16.85 14.77
C MET B 139 -0.42 16.77 14.18
N PRO B 140 -1.45 16.66 15.02
CA PRO B 140 -2.80 16.41 14.52
C PRO B 140 -3.34 17.47 13.56
N GLU B 141 -2.71 18.64 13.50
CA GLU B 141 -3.11 19.69 12.52
C GLU B 141 -3.26 19.00 11.16
N LEU B 142 -2.20 18.35 10.70
CA LEU B 142 -2.23 17.63 9.41
C LEU B 142 -3.34 16.60 9.45
N ALA B 143 -4.16 16.54 8.41
CA ALA B 143 -5.24 15.56 8.31
C ALA B 143 -4.73 14.14 8.56
N GLN B 315 -3.59 17.11 21.46
CA GLN B 315 -2.67 17.82 22.33
C GLN B 315 -2.45 17.04 23.63
N ARG B 316 -3.41 16.15 23.93
CA ARG B 316 -3.33 15.27 25.12
C ARG B 316 -2.12 14.36 24.94
N PHE B 317 -1.42 14.04 26.02
CA PHE B 317 -0.19 13.27 25.89
C PHE B 317 0.19 12.68 27.24
N MET B 318 0.83 11.51 27.18
CA MET B 318 1.34 10.83 28.36
C MET B 318 2.48 9.93 27.92
N PHE B 319 3.54 9.89 28.73
CA PHE B 319 4.70 9.06 28.38
C PHE B 319 5.67 9.09 29.55
N ASN B 320 6.31 7.96 29.78
CA ASN B 320 7.34 7.88 30.81
C ASN B 320 8.15 6.61 30.60
N ILE B 321 9.37 6.63 31.11
CA ILE B 321 10.27 5.48 31.11
C ILE B 321 10.81 5.38 32.53
N ALA B 322 10.47 4.30 33.23
CA ALA B 322 10.81 4.17 34.65
C ALA B 322 12.20 3.58 34.82
N ASP B 323 13.20 4.38 34.42
CA ASP B 323 14.59 3.96 34.52
C ASP B 323 15.17 4.17 35.91
N GLY B 324 14.37 4.62 36.87
CA GLY B 324 14.85 4.81 38.23
C GLY B 324 15.92 5.87 38.35
N GLY B 325 16.12 6.64 37.28
CA GLY B 325 17.10 7.71 37.33
C GLY B 325 18.53 7.27 37.16
N PHE B 326 18.77 6.12 36.55
CA PHE B 326 20.12 5.61 36.36
C PHE B 326 20.72 5.99 35.02
N THR B 327 19.94 6.64 34.15
CA THR B 327 20.48 7.27 32.96
C THR B 327 20.13 8.76 33.01
N GLU B 328 20.81 9.54 32.17
CA GLU B 328 20.55 10.97 32.10
C GLU B 328 19.15 11.30 31.57
N LEU B 329 18.31 10.32 31.29
CA LEU B 329 17.04 10.60 30.62
C LEU B 329 16.15 11.49 31.47
N HIS B 330 15.75 11.01 32.64
CA HIS B 330 14.79 11.75 33.50
C HIS B 330 15.35 13.14 33.77
N SER B 331 16.66 13.29 33.76
CA SER B 331 17.33 14.58 34.02
C SER B 331 17.13 15.48 32.80
N LEU B 332 17.33 14.95 31.60
CA LEU B 332 17.19 15.79 30.39
C LEU B 332 15.74 16.26 30.30
N TRP B 333 14.80 15.37 30.59
CA TRP B 333 13.39 15.72 30.48
C TRP B 333 13.05 16.89 31.41
N GLN B 334 13.62 16.89 32.60
CA GLN B 334 13.32 17.96 33.60
C GLN B 334 13.75 19.29 33.03
N ASN B 335 14.92 19.38 32.42
CA ASN B 335 15.41 20.65 31.88
C ASN B 335 14.66 21.04 30.61
N GLU B 336 14.36 20.06 29.76
CA GLU B 336 13.71 20.38 28.49
C GLU B 336 12.24 20.72 28.69
N GLU B 337 11.53 19.94 29.52
CA GLU B 337 10.14 20.25 29.79
C GLU B 337 10.00 21.63 30.43
N ARG B 338 10.89 21.96 31.36
CA ARG B 338 10.92 23.30 31.92
C ARG B 338 10.93 24.33 30.80
N ALA B 339 11.84 24.16 29.83
CA ALA B 339 11.93 25.11 28.72
C ALA B 339 10.64 25.13 27.92
N ALA B 340 10.16 23.96 27.50
CA ALA B 340 8.95 23.91 26.67
C ALA B 340 7.73 24.46 27.40
N THR B 341 7.80 24.58 28.72
CA THR B 341 6.69 25.09 29.55
C THR B 341 6.72 26.62 29.58
N VAL B 342 7.83 27.25 29.94
CA VAL B 342 7.88 28.70 30.06
C VAL B 342 7.70 29.36 28.69
N THR B 343 8.30 28.77 27.66
CA THR B 343 8.25 29.29 26.28
C THR B 343 6.93 28.96 25.61
N LYS B 344 6.26 27.92 26.09
CA LYS B 344 4.98 27.46 25.52
C LYS B 344 5.22 27.00 24.09
N LYS B 345 6.46 26.64 23.74
CA LYS B 345 6.80 26.15 22.41
C LYS B 345 6.91 24.62 22.49
N THR B 346 5.75 23.97 22.45
CA THR B 346 5.71 22.53 22.72
C THR B 346 6.39 21.73 21.63
N TYR B 347 6.11 22.06 20.36
CA TYR B 347 6.63 21.26 19.27
C TYR B 347 8.08 21.60 18.93
N GLU B 348 8.50 22.84 19.15
CA GLU B 348 9.81 23.34 18.67
C GLU B 348 10.97 23.05 19.62
N ILE B 349 10.70 22.53 20.80
CA ILE B 349 11.75 22.23 21.79
C ILE B 349 11.70 20.73 22.05
N TRP B 350 12.75 20.01 21.66
CA TRP B 350 12.76 18.54 21.81
C TRP B 350 12.67 18.16 23.28
N HIS B 351 11.74 17.26 23.57
CA HIS B 351 11.56 16.82 24.97
C HIS B 351 10.83 15.50 24.97
N ARG B 352 10.37 15.05 26.13
CA ARG B 352 9.72 13.73 26.26
C ARG B 352 8.75 13.50 25.10
N ARG B 353 7.87 14.46 24.81
CA ARG B 353 6.92 14.34 23.69
C ARG B 353 7.63 13.81 22.44
N HIS B 354 8.71 14.46 22.01
CA HIS B 354 9.40 14.02 20.77
C HIS B 354 10.02 12.65 20.93
N ASP B 355 10.46 12.29 22.13
CA ASP B 355 11.05 10.98 22.35
C ASP B 355 10.03 9.87 22.15
N TYR B 356 8.77 10.10 22.52
CA TYR B 356 7.77 9.07 22.29
C TYR B 356 7.58 8.83 20.79
N TRP B 357 7.41 9.91 20.03
CA TRP B 357 7.12 9.76 18.60
C TRP B 357 8.29 9.14 17.86
N LEU B 358 9.51 9.44 18.31
CA LEU B 358 10.68 8.80 17.69
C LEU B 358 10.52 7.29 17.83
N LEU B 359 10.20 6.83 19.03
CA LEU B 359 9.99 5.41 19.24
C LEU B 359 8.86 4.89 18.35
N ALA B 360 7.78 5.66 18.23
CA ALA B 360 6.65 5.20 17.42
C ALA B 360 7.06 5.04 15.96
N GLY B 361 7.94 5.89 15.46
CA GLY B 361 8.41 5.73 14.10
C GLY B 361 9.27 4.49 13.95
N ILE B 362 10.14 4.23 14.91
CA ILE B 362 11.07 3.07 14.87
C ILE B 362 10.27 1.77 14.80
N ILE B 363 9.12 1.70 15.45
CA ILE B 363 8.23 0.50 15.38
C ILE B 363 7.50 0.52 14.05
N ASN B 364 7.21 1.69 13.48
CA ASN B 364 6.42 1.70 12.23
C ASN B 364 7.33 1.53 11.03
N HIS B 365 8.55 2.06 11.07
CA HIS B 365 9.44 2.04 9.88
C HIS B 365 10.64 1.11 10.07
N GLY B 366 11.11 0.91 11.29
CA GLY B 366 12.25 0.03 11.48
C GLY B 366 13.40 0.64 12.27
N TYR B 367 14.28 -0.22 12.75
CA TYR B 367 15.39 0.20 13.60
C TYR B 367 16.29 1.20 12.87
N ALA B 368 16.45 2.38 13.45
CA ALA B 368 17.39 3.38 12.96
C ALA B 368 17.07 3.83 11.54
N ARG B 369 15.80 3.76 11.15
CA ARG B 369 15.39 4.15 9.80
C ARG B 369 15.01 5.63 9.78
N TRP B 370 16.01 6.47 10.01
CA TRP B 370 15.77 7.89 10.21
C TRP B 370 15.10 8.52 8.99
N GLN B 371 15.64 8.25 7.79
CA GLN B 371 15.11 8.89 6.60
C GLN B 371 13.62 8.59 6.43
N ASP B 372 13.24 7.31 6.56
CA ASP B 372 11.84 6.95 6.43
C ASP B 372 10.98 7.62 7.48
N ILE B 373 11.49 7.72 8.71
CA ILE B 373 10.73 8.33 9.78
C ILE B 373 10.51 9.82 9.49
N GLN B 374 11.57 10.51 9.04
CA GLN B 374 11.48 11.95 8.85
C GLN B 374 10.49 12.31 7.75
N ASN B 375 10.42 11.50 6.70
CA ASN B 375 9.54 11.78 5.57
C ASN B 375 8.10 11.35 5.82
N ASP B 376 7.83 10.64 6.91
CA ASP B 376 6.46 10.30 7.26
C ASP B 376 5.80 11.49 7.92
N PRO B 377 4.72 12.05 7.35
CA PRO B 377 4.06 13.20 8.00
C PRO B 377 3.71 12.95 9.46
N ARG B 378 3.31 11.72 9.79
CA ARG B 378 2.86 11.43 11.14
C ARG B 378 3.90 11.75 12.20
N TYR B 379 5.17 11.85 11.82
CA TYR B 379 6.24 12.14 12.76
C TYR B 379 6.90 13.48 12.49
N ALA B 380 6.16 14.39 11.86
CA ALA B 380 6.69 15.71 11.54
C ALA B 380 7.17 16.46 12.77
N ILE B 381 6.67 16.11 13.95
CA ILE B 381 7.13 16.80 15.15
C ILE B 381 8.63 16.63 15.33
N LEU B 382 9.20 15.53 14.84
CA LEU B 382 10.63 15.32 14.98
C LEU B 382 11.43 16.30 14.14
N ASN B 383 10.85 16.79 13.04
CA ASN B 383 11.50 17.81 12.24
C ASN B 383 11.30 19.21 12.79
N GLU B 384 10.42 19.39 13.78
CA GLU B 384 10.12 20.74 14.26
C GLU B 384 11.30 21.38 14.96
N PRO B 385 12.02 20.71 15.87
CA PRO B 385 13.08 21.41 16.62
C PRO B 385 14.27 21.83 15.77
N PHE B 386 14.31 21.48 14.48
CA PHE B 386 15.43 21.78 13.63
C PHE B 386 15.10 22.72 12.48
N LYS B 387 13.84 23.12 12.38
CA LYS B 387 13.40 23.94 11.23
C LYS B 387 14.20 25.23 11.11
N GLY B 388 14.99 25.59 12.11
CA GLY B 388 15.73 26.86 12.01
C GLY B 388 17.21 26.65 11.83
N GLU B 389 17.61 25.43 11.46
CA GLU B 389 19.04 25.08 11.31
C GLU B 389 19.30 24.67 9.86
N MET B 390 18.40 25.06 8.95
CA MET B 390 18.54 24.63 7.54
C MET B 390 19.56 25.53 6.84
N ASN B 391 19.74 26.75 7.35
CA ASN B 391 20.70 27.73 6.78
C ASN B 391 22.12 27.45 7.23
N ARG B 392 22.35 26.27 7.83
CA ARG B 392 23.68 26.00 8.42
C ARG B 392 24.49 25.00 7.61
N GLY B 393 23.88 24.31 6.65
CA GLY B 393 24.66 23.27 5.94
C GLY B 393 24.98 22.13 6.88
N ASN B 394 25.48 20.99 6.39
CA ASN B 394 25.70 19.80 7.27
C ASN B 394 24.52 19.67 8.25
N PHE B 395 23.31 20.02 7.80
CA PHE B 395 22.14 20.03 8.70
C PHE B 395 21.64 18.62 8.88
N LEU B 396 21.39 17.87 7.80
CA LEU B 396 20.82 16.52 8.06
C LEU B 396 21.89 15.67 8.75
N GLU B 397 23.16 16.06 8.60
CA GLU B 397 24.22 15.31 9.30
C GLU B 397 24.04 15.56 10.79
N ILE B 398 24.00 16.82 11.21
CA ILE B 398 23.79 17.19 12.63
C ILE B 398 22.50 16.53 13.09
N LYS B 399 21.44 16.57 12.28
CA LYS B 399 20.14 16.09 12.69
C LYS B 399 20.16 14.58 12.93
N ASN B 400 20.75 13.82 12.01
CA ASN B 400 20.73 12.37 12.12
C ASN B 400 21.59 11.89 13.28
N LYS B 401 22.69 12.58 13.52
CA LYS B 401 23.62 12.22 14.61
C LYS B 401 22.95 12.49 15.95
N PHE B 402 22.07 13.49 16.03
CA PHE B 402 21.33 13.76 17.26
C PHE B 402 20.30 12.66 17.52
N LEU B 403 19.60 12.24 16.47
CA LEU B 403 18.54 11.20 16.56
C LEU B 403 19.19 9.87 16.91
N ALA B 404 20.32 9.51 16.31
CA ALA B 404 21.08 8.33 16.69
C ALA B 404 21.52 8.41 18.15
N ARG B 405 21.92 9.59 18.58
CA ARG B 405 22.38 9.82 19.97
C ARG B 405 21.20 9.63 20.91
N ARG B 406 20.05 10.26 20.62
CA ARG B 406 18.89 10.17 21.50
C ARG B 406 18.34 8.75 21.55
N PHE B 407 18.30 8.08 20.39
CA PHE B 407 17.80 6.70 20.36
C PHE B 407 18.62 5.81 21.26
N LYS B 408 19.94 6.02 21.28
CA LYS B 408 20.84 5.21 22.14
C LYS B 408 20.42 5.35 23.60
N LEU B 409 20.13 6.57 24.06
CA LEU B 409 19.74 6.79 25.44
C LEU B 409 18.42 6.08 25.75
N LEU B 410 17.39 6.34 24.94
CA LEU B 410 16.10 5.69 25.16
C LEU B 410 16.26 4.18 25.18
N GLU B 411 17.14 3.65 24.34
CA GLU B 411 17.42 2.22 24.36
C GLU B 411 17.89 1.80 25.75
N GLN B 412 18.97 2.40 26.23
CA GLN B 412 19.48 2.04 27.55
C GLN B 412 18.43 2.26 28.62
N ALA B 413 17.66 3.35 28.51
CA ALA B 413 16.61 3.61 29.48
C ALA B 413 15.58 2.50 29.47
N LEU B 414 15.13 2.11 28.27
CA LEU B 414 14.13 1.04 28.17
C LEU B 414 14.67 -0.27 28.76
N VAL B 415 15.93 -0.60 28.47
CA VAL B 415 16.54 -1.80 29.01
C VAL B 415 16.54 -1.73 30.54
N ILE B 416 17.13 -0.67 31.10
CA ILE B 416 17.17 -0.51 32.55
C ILE B 416 15.77 -0.63 33.14
N GLU B 417 14.78 -0.06 32.47
CA GLU B 417 13.42 -0.06 33.00
C GLU B 417 12.89 -1.48 33.12
N GLU B 418 13.23 -2.34 32.16
CA GLU B 418 12.80 -3.74 32.23
C GLU B 418 13.49 -4.46 33.36
N GLN B 419 14.83 -4.43 33.39
CA GLN B 419 15.56 -5.09 34.46
C GLN B 419 15.05 -4.64 35.83
N LEU B 420 14.66 -3.37 35.92
CA LEU B 420 14.07 -2.91 37.20
C LEU B 420 12.74 -3.62 37.38
N ARG B 421 11.87 -3.57 36.38
CA ARG B 421 10.61 -4.28 36.48
C ARG B 421 10.83 -5.73 36.91
N ARG B 422 11.88 -6.37 36.38
CA ARG B 422 12.15 -7.75 36.72
C ARG B 422 12.76 -7.88 38.12
N ALA B 423 13.65 -6.96 38.48
CA ALA B 423 14.30 -7.06 39.78
C ALA B 423 13.31 -6.94 40.92
N ALA B 424 12.25 -6.15 40.75
CA ALA B 424 11.25 -6.00 41.80
C ALA B 424 10.53 -7.32 42.08
N TYR B 425 10.40 -8.17 41.07
CA TYR B 425 9.81 -9.48 41.26
C TYR B 425 10.70 -10.40 42.10
N LEU B 426 11.96 -10.02 42.31
CA LEU B 426 12.95 -10.82 43.08
C LEU B 426 13.04 -12.22 42.46
N ASN B 427 12.80 -12.34 41.17
CA ASN B 427 12.94 -13.63 40.43
C ASN B 427 11.83 -14.59 40.85
N MET B 428 10.60 -14.10 40.93
CA MET B 428 9.45 -14.96 41.25
C MET B 428 8.26 -14.63 40.35
#